data_4G07
#
_entry.id   4G07
#
_cell.length_a   76.672
_cell.length_b   105.075
_cell.length_c   112.416
_cell.angle_alpha   90.00
_cell.angle_beta   90.00
_cell.angle_gamma   90.00
#
_symmetry.space_group_name_H-M   'C 2 2 21'
#
loop_
_entity.id
_entity.type
_entity.pdbx_description
1 polymer 'Histidinol dehydrogenase'
2 non-polymer GLYCEROL
3 non-polymer 'ZINC ION'
4 water water
#
_entity_poly.entity_id   1
_entity_poly.type   'polypeptide(L)'
_entity_poly.pdbx_seq_one_letter_code
;MVTTLRQTDPDFEQKFAAFLSGKREVSEDVDRAVREIVDRVRREGDSALLDYSRRFDRIDLEKTGIAVTEAEIDAAFDAA
PASTVEALKLARDRIEKHHARQLPKDDRYTDALGVELGSRWTAIEAVGLYVPGGTASYPSSVLMNAMPAKVAGVDRIVMV
VPAPDGNLNPLVLVAARLAGVSEIYRVGGAQAIAALAYGTETIRPVAKIVGPGNAYVAAAKRIVFGTVGIDMIAGPSEVL
IVADKDNNPDWIAADLLAQAEHDTAAQSILMTNDEAFAHAVEEAVERQLHTLARTETASASWRDFGAVILVKDFEDAIPL
ANRIAAEHLEIAVADAEAFVPRIRNAGSIFIGGYTPEVIGDYVGGSNHVLPTARSARFSSGLSVLDYMKRTSLLKLGSEQ
LRALGPAAIEIARAEGLDAHAQSVAIRLNLLEHHHHHH
;
_entity_poly.pdbx_strand_id   A
#
# COMPACT_ATOMS: atom_id res chain seq x y z
N VAL A 2 21.17 20.06 -10.88
CA VAL A 2 20.31 19.34 -9.89
C VAL A 2 20.57 19.83 -8.47
N THR A 3 19.50 19.98 -7.70
CA THR A 3 19.60 20.44 -6.32
C THR A 3 20.66 19.65 -5.58
N THR A 4 21.48 20.36 -4.81
CA THR A 4 22.55 19.70 -4.05
C THR A 4 22.67 20.28 -2.65
N LEU A 5 22.52 19.44 -1.64
CA LEU A 5 22.62 19.87 -0.25
C LEU A 5 23.87 19.25 0.37
N ARG A 6 24.58 20.01 1.20
CA ARG A 6 25.82 19.54 1.85
C ARG A 6 25.64 19.58 3.36
N GLN A 7 25.68 18.41 4.01
CA GLN A 7 25.45 18.28 5.45
C GLN A 7 26.24 19.22 6.36
N THR A 8 27.43 19.62 5.94
CA THR A 8 28.25 20.50 6.77
C THR A 8 27.81 21.96 6.75
N ASP A 9 27.06 22.33 5.71
CA ASP A 9 26.57 23.70 5.55
C ASP A 9 25.86 24.23 6.78
N PRO A 10 26.26 25.43 7.22
CA PRO A 10 25.61 25.97 8.41
C PRO A 10 24.11 26.08 8.19
N ASP A 11 23.68 26.12 6.94
CA ASP A 11 22.25 26.22 6.66
C ASP A 11 21.66 24.91 6.13
N PHE A 12 22.46 23.85 6.13
CA PHE A 12 22.00 22.54 5.66
C PHE A 12 20.71 22.10 6.32
N GLU A 13 20.67 22.10 7.64
CA GLU A 13 19.46 21.66 8.33
C GLU A 13 18.23 22.43 7.88
N GLN A 14 18.34 23.75 7.79
CA GLN A 14 17.19 24.53 7.38
C GLN A 14 16.75 24.16 5.95
N LYS A 15 17.72 23.98 5.06
CA LYS A 15 17.41 23.64 3.67
C LYS A 15 16.89 22.21 3.52
N PHE A 16 17.46 21.29 4.28
CA PHE A 16 17.06 19.89 4.23
C PHE A 16 15.64 19.75 4.75
N ALA A 17 15.32 20.42 5.86
CA ALA A 17 13.99 20.35 6.43
C ALA A 17 12.97 20.92 5.46
N ALA A 18 13.33 21.98 4.74
CA ALA A 18 12.43 22.61 3.78
C ALA A 18 12.26 21.67 2.58
N PHE A 19 13.36 21.01 2.22
CA PHE A 19 13.37 20.06 1.13
C PHE A 19 12.40 18.91 1.45
N LEU A 20 12.30 18.53 2.72
CA LEU A 20 11.42 17.44 3.11
C LEU A 20 9.96 17.83 3.24
N SER A 21 9.68 19.11 3.41
CA SER A 21 8.30 19.54 3.59
C SER A 21 7.47 19.44 2.33
N GLY A 22 6.16 19.44 2.51
CA GLY A 22 5.26 19.32 1.38
C GLY A 22 4.81 17.88 1.23
N ASP A 29 -10.72 21.84 -1.52
CA ASP A 29 -10.25 21.57 -2.87
C ASP A 29 -11.34 20.84 -3.66
N VAL A 30 -11.15 19.54 -3.92
CA VAL A 30 -12.16 18.76 -4.64
C VAL A 30 -13.10 18.10 -3.63
N ASP A 31 -12.83 18.33 -2.35
CA ASP A 31 -13.63 17.75 -1.27
C ASP A 31 -15.13 17.89 -1.47
N ARG A 32 -15.58 19.10 -1.74
CA ARG A 32 -17.01 19.38 -1.92
C ARG A 32 -17.63 18.56 -3.05
N ALA A 33 -17.00 18.59 -4.23
CA ALA A 33 -17.50 17.86 -5.37
C ALA A 33 -17.55 16.37 -5.09
N VAL A 34 -16.52 15.84 -4.44
CA VAL A 34 -16.48 14.41 -4.14
C VAL A 34 -17.54 14.04 -3.11
N ARG A 35 -17.68 14.86 -2.09
CA ARG A 35 -18.67 14.60 -1.05
C ARG A 35 -20.04 14.42 -1.70
N GLU A 36 -20.36 15.26 -2.68
CA GLU A 36 -21.64 15.14 -3.37
C GLU A 36 -21.73 13.89 -4.23
N ILE A 37 -20.66 13.57 -4.94
CA ILE A 37 -20.64 12.37 -5.80
C ILE A 37 -20.82 11.11 -4.95
N VAL A 38 -20.11 11.06 -3.82
CA VAL A 38 -20.19 9.87 -2.97
C VAL A 38 -21.59 9.70 -2.40
N ASP A 39 -22.17 10.79 -1.90
CA ASP A 39 -23.52 10.75 -1.33
C ASP A 39 -24.57 10.37 -2.38
N ARG A 40 -24.44 10.88 -3.60
CA ARG A 40 -25.40 10.54 -4.65
C ARG A 40 -25.33 9.06 -5.04
N VAL A 41 -24.12 8.51 -5.16
CA VAL A 41 -24.01 7.11 -5.52
C VAL A 41 -24.60 6.24 -4.41
N ARG A 42 -24.36 6.63 -3.16
CA ARG A 42 -24.87 5.90 -2.00
C ARG A 42 -26.41 5.88 -2.00
N ARG A 43 -27.00 7.06 -2.16
CA ARG A 43 -28.45 7.20 -2.16
C ARG A 43 -29.18 6.67 -3.42
N GLU A 44 -28.55 6.79 -4.58
CA GLU A 44 -29.18 6.38 -5.84
C GLU A 44 -28.73 5.10 -6.54
N GLY A 45 -27.51 4.66 -6.29
CA GLY A 45 -27.06 3.42 -6.92
C GLY A 45 -26.58 3.47 -8.37
N ASP A 46 -26.94 2.43 -9.13
CA ASP A 46 -26.51 2.31 -10.51
C ASP A 46 -26.74 3.51 -11.41
N SER A 47 -27.91 4.16 -11.30
CA SER A 47 -28.16 5.29 -12.16
C SER A 47 -27.17 6.44 -11.94
N ALA A 48 -26.72 6.64 -10.70
CA ALA A 48 -25.76 7.72 -10.47
C ALA A 48 -24.37 7.29 -10.97
N LEU A 49 -24.10 5.99 -10.91
CA LEU A 49 -22.84 5.43 -11.39
C LEU A 49 -22.76 5.72 -12.88
N LEU A 50 -23.82 5.38 -13.61
CA LEU A 50 -23.83 5.61 -15.05
C LEU A 50 -23.72 7.09 -15.35
N ASP A 51 -24.37 7.91 -14.54
CA ASP A 51 -24.34 9.35 -14.74
C ASP A 51 -22.92 9.88 -14.66
N TYR A 52 -22.23 9.58 -13.55
CA TYR A 52 -20.86 10.05 -13.39
C TYR A 52 -19.89 9.46 -14.42
N SER A 53 -20.11 8.22 -14.82
CA SER A 53 -19.23 7.60 -15.79
C SER A 53 -19.31 8.34 -17.13
N ARG A 54 -20.50 8.83 -17.48
CA ARG A 54 -20.66 9.57 -18.72
C ARG A 54 -19.86 10.86 -18.64
N ARG A 55 -20.10 11.61 -17.58
CA ARG A 55 -19.40 12.87 -17.39
C ARG A 55 -17.87 12.76 -17.39
N PHE A 56 -17.34 11.71 -16.76
CA PHE A 56 -15.90 11.58 -16.65
C PHE A 56 -15.18 10.60 -17.56
N ASP A 57 -15.87 9.54 -17.98
CA ASP A 57 -15.23 8.55 -18.83
C ASP A 57 -15.77 8.59 -20.25
N ARG A 58 -16.79 9.42 -20.47
CA ARG A 58 -17.43 9.52 -21.79
C ARG A 58 -17.78 8.13 -22.28
N ILE A 59 -18.45 7.36 -21.43
CA ILE A 59 -18.84 6.01 -21.80
C ILE A 59 -20.30 5.81 -21.37
N ASP A 60 -21.00 4.95 -22.10
CA ASP A 60 -22.40 4.66 -21.81
C ASP A 60 -22.51 3.21 -21.34
N LEU A 61 -22.41 3.03 -20.03
CA LEU A 61 -22.46 1.68 -19.46
C LEU A 61 -23.76 0.95 -19.75
N GLU A 62 -24.82 1.67 -20.11
CA GLU A 62 -26.08 1.02 -20.43
C GLU A 62 -25.88 0.14 -21.66
N LYS A 63 -25.01 0.59 -22.57
CA LYS A 63 -24.73 -0.17 -23.78
C LYS A 63 -23.57 -1.15 -23.64
N THR A 64 -22.51 -0.73 -22.96
CA THR A 64 -21.34 -1.60 -22.78
C THR A 64 -21.52 -2.57 -21.62
N GLY A 65 -22.30 -2.14 -20.63
CA GLY A 65 -22.52 -2.96 -19.46
C GLY A 65 -21.53 -2.51 -18.39
N ILE A 66 -21.87 -2.72 -17.12
CA ILE A 66 -21.00 -2.32 -16.02
C ILE A 66 -19.92 -3.37 -15.80
N ALA A 67 -20.31 -4.64 -15.76
CA ALA A 67 -19.37 -5.73 -15.55
C ALA A 67 -18.70 -6.19 -16.83
N VAL A 68 -17.42 -6.54 -16.75
CA VAL A 68 -16.67 -7.05 -17.90
C VAL A 68 -16.99 -8.55 -17.92
N THR A 69 -17.19 -9.13 -19.10
CA THR A 69 -17.53 -10.54 -19.22
C THR A 69 -16.31 -11.46 -19.31
N GLU A 70 -16.50 -12.74 -19.03
CA GLU A 70 -15.40 -13.69 -19.12
C GLU A 70 -14.91 -13.73 -20.56
N ALA A 71 -15.85 -13.58 -21.49
CA ALA A 71 -15.55 -13.59 -22.92
C ALA A 71 -14.64 -12.45 -23.28
N GLU A 72 -14.88 -11.30 -22.66
CA GLU A 72 -14.05 -10.13 -22.94
C GLU A 72 -12.65 -10.36 -22.36
N ILE A 73 -12.55 -11.10 -21.26
CA ILE A 73 -11.27 -11.38 -20.64
C ILE A 73 -10.53 -12.41 -21.49
N ASP A 74 -11.26 -13.37 -22.05
CA ASP A 74 -10.62 -14.38 -22.90
C ASP A 74 -10.00 -13.71 -24.13
N ALA A 75 -10.75 -12.80 -24.75
CA ALA A 75 -10.26 -12.10 -25.92
C ALA A 75 -8.97 -11.36 -25.56
N ALA A 76 -8.91 -10.84 -24.35
CA ALA A 76 -7.74 -10.10 -23.87
C ALA A 76 -6.51 -11.01 -23.86
N PHE A 77 -6.69 -12.26 -23.40
CA PHE A 77 -5.59 -13.22 -23.37
C PHE A 77 -5.06 -13.52 -24.77
N ASP A 78 -5.95 -13.80 -25.71
CA ASP A 78 -5.56 -14.13 -27.08
C ASP A 78 -4.81 -12.97 -27.75
N ALA A 79 -5.21 -11.74 -27.45
CA ALA A 79 -4.56 -10.57 -28.03
C ALA A 79 -3.17 -10.31 -27.45
N ALA A 80 -2.87 -10.91 -26.30
CA ALA A 80 -1.60 -10.70 -25.64
C ALA A 80 -0.45 -11.53 -26.20
N PRO A 81 0.75 -10.93 -26.36
CA PRO A 81 1.90 -11.65 -26.86
C PRO A 81 2.22 -12.77 -25.89
N ALA A 82 2.61 -13.93 -26.39
CA ALA A 82 2.92 -15.06 -25.51
C ALA A 82 3.95 -14.73 -24.42
N SER A 83 5.02 -14.03 -24.78
CA SER A 83 6.06 -13.73 -23.80
C SER A 83 5.60 -12.79 -22.69
N THR A 84 4.57 -12.00 -22.96
CA THR A 84 4.05 -11.07 -21.96
C THR A 84 3.17 -11.85 -20.99
N VAL A 85 2.38 -12.80 -21.51
CA VAL A 85 1.53 -13.61 -20.64
C VAL A 85 2.45 -14.46 -19.76
N GLU A 86 3.51 -15.00 -20.38
CA GLU A 86 4.45 -15.82 -19.62
C GLU A 86 5.17 -15.01 -18.56
N ALA A 87 5.57 -13.79 -18.89
CA ALA A 87 6.27 -12.95 -17.93
C ALA A 87 5.35 -12.61 -16.74
N LEU A 88 4.09 -12.33 -17.04
CA LEU A 88 3.12 -12.01 -15.98
C LEU A 88 2.90 -13.21 -15.09
N LYS A 89 2.96 -14.42 -15.66
CA LYS A 89 2.78 -15.62 -14.85
C LYS A 89 3.97 -15.87 -13.93
N LEU A 90 5.18 -15.62 -14.42
CA LEU A 90 6.35 -15.80 -13.57
C LEU A 90 6.23 -14.81 -12.41
N ALA A 91 5.87 -13.57 -12.71
CA ALA A 91 5.73 -12.55 -11.67
C ALA A 91 4.62 -12.98 -10.70
N ARG A 92 3.50 -13.44 -11.22
CA ARG A 92 2.43 -13.88 -10.32
C ARG A 92 2.91 -15.01 -9.41
N ASP A 93 3.66 -15.95 -9.96
CA ASP A 93 4.14 -17.09 -9.17
C ASP A 93 5.13 -16.67 -8.09
N ARG A 94 6.02 -15.73 -8.40
CA ARG A 94 7.03 -15.26 -7.44
C ARG A 94 6.33 -14.50 -6.31
N ILE A 95 5.40 -13.62 -6.67
CA ILE A 95 4.65 -12.84 -5.68
C ILE A 95 3.85 -13.78 -4.77
N GLU A 96 3.20 -14.77 -5.36
CA GLU A 96 2.42 -15.72 -4.55
C GLU A 96 3.26 -16.50 -3.55
N LYS A 97 4.38 -17.04 -3.99
CA LYS A 97 5.22 -17.84 -3.11
C LYS A 97 5.77 -16.98 -1.99
N HIS A 98 6.16 -15.76 -2.31
CA HIS A 98 6.67 -14.87 -1.30
C HIS A 98 5.63 -14.53 -0.25
N HIS A 99 4.44 -14.11 -0.69
CA HIS A 99 3.39 -13.76 0.25
C HIS A 99 2.90 -14.89 1.10
N ALA A 100 2.87 -16.11 0.54
CA ALA A 100 2.42 -17.27 1.30
C ALA A 100 3.25 -17.41 2.59
N ARG A 101 4.53 -17.10 2.51
CA ARG A 101 5.41 -17.21 3.67
C ARG A 101 5.02 -16.26 4.79
N GLN A 102 4.32 -15.18 4.45
CA GLN A 102 3.94 -14.20 5.45
C GLN A 102 2.59 -14.45 6.12
N LEU A 103 1.90 -15.55 5.78
CA LEU A 103 0.61 -15.83 6.41
C LEU A 103 0.78 -15.90 7.92
N PRO A 104 -0.12 -15.24 8.68
CA PRO A 104 0.01 -15.27 10.15
C PRO A 104 -0.44 -16.58 10.77
N LYS A 105 0.14 -16.94 11.91
CA LYS A 105 -0.23 -18.16 12.62
C LYS A 105 -1.08 -17.81 13.85
N ASP A 106 -2.13 -18.57 14.12
CA ASP A 106 -2.97 -18.33 15.29
C ASP A 106 -2.17 -18.69 16.54
N ASP A 107 -2.58 -18.16 17.70
CA ASP A 107 -1.89 -18.41 18.96
C ASP A 107 -2.86 -18.51 20.15
N ARG A 108 -3.11 -19.73 20.60
CA ARG A 108 -3.98 -19.92 21.76
C ARG A 108 -3.14 -20.56 22.86
N TYR A 109 -3.23 -20.03 24.07
CA TYR A 109 -2.43 -20.55 25.17
C TYR A 109 -3.09 -20.32 26.52
N THR A 110 -2.52 -20.92 27.55
CA THR A 110 -3.04 -20.80 28.91
C THR A 110 -1.92 -20.16 29.75
N ASP A 111 -2.23 -19.07 30.43
CA ASP A 111 -1.20 -18.43 31.24
C ASP A 111 -1.14 -19.08 32.61
N ALA A 112 -0.28 -18.54 33.47
CA ALA A 112 -0.06 -19.07 34.81
C ALA A 112 -1.31 -19.12 35.72
N LEU A 113 -2.24 -18.20 35.49
CA LEU A 113 -3.47 -18.14 36.27
C LEU A 113 -4.52 -19.09 35.68
N GLY A 114 -4.18 -19.70 34.55
CA GLY A 114 -5.12 -20.59 33.91
C GLY A 114 -6.07 -19.85 32.94
N VAL A 115 -5.80 -18.58 32.68
CA VAL A 115 -6.66 -17.83 31.74
C VAL A 115 -6.29 -18.32 30.34
N GLU A 116 -7.30 -18.55 29.51
CA GLU A 116 -7.06 -19.01 28.15
C GLU A 116 -7.12 -17.78 27.23
N LEU A 117 -6.00 -17.50 26.57
CA LEU A 117 -5.87 -16.35 25.69
C LEU A 117 -5.63 -16.81 24.27
N GLY A 118 -6.24 -16.11 23.33
CA GLY A 118 -6.09 -16.52 21.94
C GLY A 118 -5.99 -15.40 20.95
N SER A 119 -5.40 -15.74 19.81
CA SER A 119 -5.22 -14.82 18.70
C SER A 119 -5.51 -15.69 17.48
N ARG A 120 -6.53 -15.30 16.74
CA ARG A 120 -6.94 -16.04 15.54
C ARG A 120 -7.07 -15.14 14.33
N TRP A 121 -6.55 -15.58 13.20
CA TRP A 121 -6.62 -14.78 11.97
C TRP A 121 -7.59 -15.31 10.92
N THR A 122 -8.34 -14.41 10.29
CA THR A 122 -9.25 -14.79 9.23
C THR A 122 -9.08 -13.80 8.07
N ALA A 123 -9.48 -14.22 6.88
CA ALA A 123 -9.37 -13.33 5.73
C ALA A 123 -10.58 -12.41 5.69
N ILE A 124 -10.40 -11.22 5.11
CA ILE A 124 -11.50 -10.29 4.93
C ILE A 124 -12.35 -10.96 3.84
N GLU A 125 -13.66 -10.97 4.01
CA GLU A 125 -14.53 -11.66 3.05
C GLU A 125 -14.58 -11.15 1.62
N ALA A 126 -14.61 -9.83 1.45
CA ALA A 126 -14.66 -9.27 0.12
C ALA A 126 -13.78 -8.05 0.09
N VAL A 127 -12.99 -7.93 -0.96
CA VAL A 127 -12.09 -6.79 -1.09
C VAL A 127 -12.19 -6.19 -2.49
N GLY A 128 -12.05 -4.87 -2.58
CA GLY A 128 -12.09 -4.21 -3.88
C GLY A 128 -10.76 -3.57 -4.21
N LEU A 129 -10.30 -3.75 -5.46
CA LEU A 129 -9.02 -3.18 -5.91
C LEU A 129 -9.31 -2.06 -6.89
N TYR A 130 -8.81 -0.87 -6.60
CA TYR A 130 -9.00 0.24 -7.50
C TYR A 130 -7.81 0.31 -8.44
N VAL A 131 -8.06 0.25 -9.75
CA VAL A 131 -6.99 0.30 -10.75
C VAL A 131 -7.27 1.45 -11.73
N PRO A 132 -6.36 2.43 -11.82
CA PRO A 132 -6.53 3.58 -12.73
C PRO A 132 -6.75 3.08 -14.15
N GLY A 133 -7.47 3.86 -14.94
CA GLY A 133 -7.71 3.48 -16.32
C GLY A 133 -6.79 4.23 -17.28
N GLY A 134 -6.86 3.89 -18.56
CA GLY A 134 -6.02 4.57 -19.53
C GLY A 134 -4.55 4.20 -19.48
N THR A 135 -3.70 5.18 -19.77
CA THR A 135 -2.26 4.98 -19.79
C THR A 135 -1.61 4.71 -18.43
N ALA A 136 -2.39 4.88 -17.36
CA ALA A 136 -1.88 4.63 -16.02
C ALA A 136 -2.31 3.25 -15.55
N SER A 137 -2.97 2.50 -16.43
CA SER A 137 -3.49 1.17 -16.15
C SER A 137 -2.44 0.06 -16.34
N TYR A 138 -1.80 -0.35 -15.24
CA TYR A 138 -0.73 -1.35 -15.30
C TYR A 138 -1.05 -2.75 -14.79
N PRO A 139 -0.72 -3.77 -15.59
CA PRO A 139 -0.99 -5.16 -15.19
C PRO A 139 -0.16 -5.56 -13.96
N SER A 140 1.05 -5.00 -13.80
CA SER A 140 1.88 -5.35 -12.63
C SER A 140 1.19 -4.87 -11.35
N SER A 141 0.49 -3.74 -11.44
CA SER A 141 -0.23 -3.21 -10.29
C SER A 141 -1.33 -4.18 -9.88
N VAL A 142 -2.00 -4.76 -10.86
CA VAL A 142 -3.08 -5.71 -10.62
C VAL A 142 -2.56 -6.95 -9.89
N LEU A 143 -1.44 -7.49 -10.34
CA LEU A 143 -0.89 -8.67 -9.68
C LEU A 143 -0.47 -8.34 -8.25
N MET A 144 0.19 -7.20 -8.08
CA MET A 144 0.69 -6.77 -6.77
C MET A 144 -0.39 -6.52 -5.74
N ASN A 145 -1.53 -6.01 -6.20
CA ASN A 145 -2.65 -5.69 -5.33
C ASN A 145 -3.57 -6.89 -5.08
N ALA A 146 -3.77 -7.71 -6.10
CA ALA A 146 -4.69 -8.86 -5.96
C ALA A 146 -4.09 -10.14 -5.41
N MET A 147 -2.86 -10.45 -5.78
CA MET A 147 -2.26 -11.70 -5.33
C MET A 147 -2.22 -11.88 -3.81
N PRO A 148 -1.88 -10.82 -3.05
CA PRO A 148 -1.85 -11.04 -1.60
C PRO A 148 -3.25 -11.36 -1.06
N ALA A 149 -4.30 -10.78 -1.66
CA ALA A 149 -5.65 -11.07 -1.19
C ALA A 149 -5.95 -12.53 -1.51
N LYS A 150 -5.52 -12.98 -2.67
CA LYS A 150 -5.75 -14.38 -3.04
C LYS A 150 -5.01 -15.31 -2.06
N VAL A 151 -3.79 -14.97 -1.72
CA VAL A 151 -3.02 -15.79 -0.78
C VAL A 151 -3.64 -15.78 0.62
N ALA A 152 -4.15 -14.62 1.03
CA ALA A 152 -4.78 -14.46 2.35
C ALA A 152 -6.08 -15.25 2.47
N GLY A 153 -6.68 -15.62 1.34
CA GLY A 153 -7.93 -16.36 1.41
C GLY A 153 -9.19 -15.52 1.26
N VAL A 154 -9.05 -14.32 0.68
CA VAL A 154 -10.22 -13.48 0.48
C VAL A 154 -11.18 -14.18 -0.46
N ASP A 155 -12.43 -14.35 -0.03
CA ASP A 155 -13.44 -15.04 -0.84
C ASP A 155 -13.87 -14.31 -2.10
N ARG A 156 -13.99 -13.00 -2.02
CA ARG A 156 -14.45 -12.22 -3.14
C ARG A 156 -13.51 -11.05 -3.43
N ILE A 157 -12.82 -11.12 -4.57
CA ILE A 157 -11.90 -10.05 -4.95
C ILE A 157 -12.48 -9.30 -6.14
N VAL A 158 -12.77 -8.02 -5.92
CA VAL A 158 -13.37 -7.18 -6.97
C VAL A 158 -12.41 -6.12 -7.49
N MET A 159 -12.44 -5.90 -8.79
CA MET A 159 -11.60 -4.87 -9.36
C MET A 159 -12.47 -3.84 -10.12
N VAL A 160 -12.23 -2.56 -9.88
CA VAL A 160 -12.96 -1.54 -10.61
C VAL A 160 -11.87 -0.86 -11.43
N VAL A 161 -12.11 -0.68 -12.71
CA VAL A 161 -11.14 -0.03 -13.57
C VAL A 161 -11.91 0.75 -14.65
N PRO A 162 -11.79 2.08 -14.64
CA PRO A 162 -12.48 2.95 -15.59
C PRO A 162 -12.02 2.63 -17.01
N ALA A 163 -12.93 2.82 -17.96
CA ALA A 163 -12.61 2.56 -19.36
C ALA A 163 -12.91 3.84 -20.13
N PRO A 164 -12.06 4.88 -19.97
CA PRO A 164 -12.31 6.14 -20.68
C PRO A 164 -12.49 5.89 -22.16
N ASP A 165 -13.49 6.55 -22.74
CA ASP A 165 -13.81 6.40 -24.16
C ASP A 165 -13.99 4.93 -24.50
N GLY A 166 -14.35 4.14 -23.49
CA GLY A 166 -14.58 2.72 -23.65
C GLY A 166 -13.37 1.81 -23.77
N ASN A 167 -12.18 2.36 -23.59
CA ASN A 167 -10.95 1.59 -23.71
C ASN A 167 -10.38 0.99 -22.41
N LEU A 168 -10.07 -0.30 -22.46
CA LEU A 168 -9.47 -1.04 -21.34
C LEU A 168 -8.17 -1.66 -21.81
N ASN A 169 -7.15 -1.63 -20.96
CA ASN A 169 -5.88 -2.26 -21.31
C ASN A 169 -6.13 -3.75 -21.18
N PRO A 170 -6.01 -4.48 -22.30
CA PRO A 170 -6.27 -5.92 -22.18
C PRO A 170 -5.34 -6.65 -21.20
N LEU A 171 -4.14 -6.12 -21.00
CA LEU A 171 -3.18 -6.75 -20.08
C LEU A 171 -3.67 -6.63 -18.64
N VAL A 172 -4.51 -5.64 -18.36
CA VAL A 172 -5.05 -5.51 -17.02
C VAL A 172 -6.04 -6.66 -16.80
N LEU A 173 -6.84 -6.99 -17.82
CA LEU A 173 -7.78 -8.10 -17.72
C LEU A 173 -7.02 -9.41 -17.61
N VAL A 174 -5.91 -9.53 -18.33
CA VAL A 174 -5.10 -10.74 -18.26
C VAL A 174 -4.57 -10.92 -16.82
N ALA A 175 -3.99 -9.86 -16.27
CA ALA A 175 -3.44 -9.91 -14.91
C ALA A 175 -4.53 -10.24 -13.89
N ALA A 176 -5.68 -9.60 -14.04
CA ALA A 176 -6.79 -9.78 -13.12
C ALA A 176 -7.10 -11.26 -12.93
N ARG A 177 -7.23 -11.97 -14.03
CA ARG A 177 -7.53 -13.39 -13.96
C ARG A 177 -6.38 -14.15 -13.28
N LEU A 178 -5.15 -13.90 -13.74
CA LEU A 178 -3.99 -14.58 -13.17
C LEU A 178 -3.89 -14.43 -11.66
N ALA A 179 -4.40 -13.32 -11.13
CA ALA A 179 -4.32 -13.06 -9.70
C ALA A 179 -5.56 -13.42 -8.89
N GLY A 180 -6.50 -14.13 -9.48
CA GLY A 180 -7.68 -14.50 -8.74
C GLY A 180 -8.77 -13.45 -8.56
N VAL A 181 -8.82 -12.43 -9.43
CA VAL A 181 -9.87 -11.43 -9.33
C VAL A 181 -11.17 -12.10 -9.79
N SER A 182 -12.25 -11.90 -9.03
CA SER A 182 -13.54 -12.51 -9.36
C SER A 182 -14.47 -11.65 -10.22
N GLU A 183 -14.57 -10.38 -9.87
CA GLU A 183 -15.45 -9.49 -10.59
C GLU A 183 -14.69 -8.28 -11.06
N ILE A 184 -15.01 -7.82 -12.27
CA ILE A 184 -14.37 -6.63 -12.80
C ILE A 184 -15.44 -5.67 -13.28
N TYR A 185 -15.39 -4.43 -12.81
CA TYR A 185 -16.37 -3.44 -13.25
C TYR A 185 -15.71 -2.24 -13.88
N ARG A 186 -16.25 -1.83 -15.02
CA ARG A 186 -15.78 -0.69 -15.79
C ARG A 186 -16.11 0.68 -15.17
N VAL A 187 -15.76 0.90 -13.91
CA VAL A 187 -16.03 2.20 -13.29
C VAL A 187 -14.81 2.72 -12.55
N GLY A 188 -14.75 4.03 -12.32
CA GLY A 188 -13.63 4.60 -11.62
C GLY A 188 -13.99 5.83 -10.82
N GLY A 189 -12.98 6.58 -10.41
CA GLY A 189 -13.20 7.80 -9.64
C GLY A 189 -13.89 7.66 -8.29
N ALA A 190 -14.41 8.78 -7.79
CA ALA A 190 -15.10 8.78 -6.52
C ALA A 190 -16.38 7.95 -6.62
N GLN A 191 -16.97 7.89 -7.81
CA GLN A 191 -18.20 7.10 -7.97
C GLN A 191 -17.93 5.61 -7.77
N ALA A 192 -16.80 5.12 -8.26
CA ALA A 192 -16.49 3.70 -8.09
C ALA A 192 -16.19 3.42 -6.61
N ILE A 193 -15.50 4.33 -5.94
CA ILE A 193 -15.17 4.13 -4.55
C ILE A 193 -16.46 4.10 -3.74
N ALA A 194 -17.42 4.95 -4.09
CA ALA A 194 -18.68 4.98 -3.37
C ALA A 194 -19.45 3.68 -3.60
N ALA A 195 -19.44 3.17 -4.83
CA ALA A 195 -20.16 1.93 -5.13
C ALA A 195 -19.58 0.76 -4.32
N LEU A 196 -18.25 0.69 -4.24
CA LEU A 196 -17.62 -0.38 -3.48
C LEU A 196 -17.94 -0.28 -1.98
N ALA A 197 -17.95 0.93 -1.45
CA ALA A 197 -18.19 1.11 -0.03
C ALA A 197 -19.63 0.91 0.39
N TYR A 198 -20.55 1.45 -0.40
CA TYR A 198 -21.96 1.37 -0.06
C TYR A 198 -22.74 0.34 -0.84
N GLY A 199 -22.25 -0.03 -2.01
CA GLY A 199 -22.94 -1.01 -2.82
C GLY A 199 -24.00 -0.36 -3.70
N THR A 200 -24.32 -1.02 -4.82
CA THR A 200 -25.34 -0.53 -5.73
C THR A 200 -26.06 -1.80 -6.14
N GLU A 201 -27.06 -1.67 -7.00
CA GLU A 201 -27.82 -2.84 -7.44
C GLU A 201 -26.94 -3.88 -8.12
N THR A 202 -25.96 -3.42 -8.88
CA THR A 202 -25.08 -4.30 -9.61
C THR A 202 -23.80 -4.68 -8.85
N ILE A 203 -23.28 -3.76 -8.04
CA ILE A 203 -22.05 -4.01 -7.30
C ILE A 203 -22.27 -4.18 -5.79
N ARG A 204 -22.23 -5.42 -5.32
CA ARG A 204 -22.40 -5.66 -3.88
C ARG A 204 -21.19 -5.05 -3.17
N PRO A 205 -21.40 -4.44 -1.99
CA PRO A 205 -20.29 -3.81 -1.27
C PRO A 205 -19.15 -4.73 -0.84
N VAL A 206 -17.97 -4.15 -0.64
CA VAL A 206 -16.81 -4.91 -0.19
C VAL A 206 -16.49 -4.40 1.20
N ALA A 207 -15.60 -5.10 1.91
CA ALA A 207 -15.22 -4.69 3.27
C ALA A 207 -13.97 -3.79 3.34
N LYS A 208 -13.17 -3.81 2.28
CA LYS A 208 -11.96 -3.00 2.20
C LYS A 208 -11.62 -2.66 0.75
N ILE A 209 -11.06 -1.47 0.56
CA ILE A 209 -10.67 -1.01 -0.76
C ILE A 209 -9.19 -0.66 -0.78
N VAL A 210 -8.45 -1.15 -1.77
CA VAL A 210 -7.03 -0.88 -1.87
C VAL A 210 -6.71 -0.47 -3.31
N GLY A 211 -5.68 0.35 -3.47
CA GLY A 211 -5.31 0.79 -4.81
C GLY A 211 -5.30 2.30 -4.89
N PRO A 212 -4.15 2.88 -5.21
CA PRO A 212 -4.05 4.34 -5.32
C PRO A 212 -4.77 4.90 -6.54
N GLY A 213 -5.32 6.11 -6.40
CA GLY A 213 -6.02 6.76 -7.49
C GLY A 213 -5.75 8.26 -7.48
N ASN A 214 -6.47 9.03 -8.30
CA ASN A 214 -6.23 10.47 -8.32
C ASN A 214 -6.87 11.20 -7.13
N ALA A 215 -6.88 12.53 -7.19
CA ALA A 215 -7.43 13.36 -6.13
C ALA A 215 -8.89 13.04 -5.79
N TYR A 216 -9.68 12.67 -6.79
CA TYR A 216 -11.06 12.34 -6.54
C TYR A 216 -11.15 11.02 -5.78
N VAL A 217 -10.35 10.05 -6.22
CA VAL A 217 -10.33 8.74 -5.58
C VAL A 217 -9.84 8.88 -4.14
N ALA A 218 -8.78 9.68 -3.96
CA ALA A 218 -8.21 9.91 -2.64
C ALA A 218 -9.23 10.56 -1.69
N ALA A 219 -9.96 11.55 -2.19
CA ALA A 219 -10.96 12.24 -1.36
C ALA A 219 -12.11 11.28 -1.02
N ALA A 220 -12.51 10.46 -1.99
CA ALA A 220 -13.57 9.50 -1.74
C ALA A 220 -13.13 8.50 -0.65
N LYS A 221 -11.89 8.03 -0.73
CA LYS A 221 -11.39 7.09 0.28
C LYS A 221 -11.37 7.68 1.70
N ARG A 222 -11.06 8.97 1.83
CA ARG A 222 -11.05 9.60 3.15
C ARG A 222 -12.45 9.63 3.74
N ILE A 223 -13.44 9.77 2.86
CA ILE A 223 -14.83 9.83 3.29
C ILE A 223 -15.33 8.47 3.78
N VAL A 224 -15.13 7.43 2.96
CA VAL A 224 -15.62 6.08 3.29
C VAL A 224 -14.85 5.30 4.33
N PHE A 225 -13.66 5.79 4.69
CA PHE A 225 -12.85 5.13 5.72
C PHE A 225 -13.74 5.03 6.98
N GLY A 226 -13.86 3.82 7.53
CA GLY A 226 -14.72 3.64 8.69
C GLY A 226 -15.84 2.72 8.26
N THR A 227 -16.37 2.97 7.07
CA THR A 227 -17.43 2.15 6.51
C THR A 227 -16.76 0.93 5.87
N VAL A 228 -15.59 1.17 5.30
CA VAL A 228 -14.76 0.12 4.71
C VAL A 228 -13.34 0.44 5.15
N GLY A 229 -12.46 -0.55 5.13
CA GLY A 229 -11.09 -0.26 5.47
C GLY A 229 -10.47 0.28 4.20
N ILE A 230 -9.38 1.01 4.31
CA ILE A 230 -8.70 1.50 3.11
C ILE A 230 -7.21 1.36 3.37
N ASP A 231 -6.46 1.09 2.32
CA ASP A 231 -5.02 0.93 2.44
C ASP A 231 -4.28 2.16 2.94
N MET A 232 -4.28 3.20 2.13
CA MET A 232 -3.57 4.42 2.45
C MET A 232 -3.90 5.39 1.32
N ILE A 233 -3.58 6.66 1.49
CA ILE A 233 -3.85 7.63 0.44
C ILE A 233 -2.59 7.73 -0.44
N ALA A 234 -2.77 7.58 -1.73
CA ALA A 234 -1.65 7.68 -2.66
C ALA A 234 -0.97 9.04 -2.54
N GLY A 235 0.36 9.01 -2.49
CA GLY A 235 1.13 10.24 -2.41
C GLY A 235 2.24 10.13 -3.43
N PRO A 236 3.02 11.20 -3.68
CA PRO A 236 4.11 11.15 -4.65
C PRO A 236 5.22 10.16 -4.25
N SER A 237 5.66 9.36 -5.22
CA SER A 237 6.69 8.34 -5.03
C SER A 237 8.11 8.92 -4.99
N GLU A 238 9.03 8.19 -4.35
CA GLU A 238 10.42 8.63 -4.27
C GLU A 238 11.40 7.48 -4.06
N VAL A 239 12.58 7.59 -4.67
CA VAL A 239 13.61 6.57 -4.46
C VAL A 239 14.80 7.31 -3.88
N LEU A 240 15.45 6.68 -2.89
CA LEU A 240 16.63 7.23 -2.26
C LEU A 240 17.74 6.22 -2.56
N ILE A 241 18.82 6.69 -3.19
CA ILE A 241 19.93 5.81 -3.51
C ILE A 241 21.11 6.30 -2.71
N VAL A 242 21.64 5.41 -1.87
CA VAL A 242 22.78 5.71 -1.01
C VAL A 242 23.88 4.88 -1.64
N ALA A 243 24.85 5.56 -2.26
CA ALA A 243 25.93 4.87 -2.96
C ALA A 243 27.29 5.53 -2.84
N ASP A 244 28.33 4.70 -2.75
CA ASP A 244 29.71 5.22 -2.71
C ASP A 244 30.26 5.20 -4.15
N LYS A 245 31.51 5.61 -4.33
CA LYS A 245 32.10 5.69 -5.67
C LYS A 245 32.29 4.35 -6.41
N ASP A 246 32.24 3.25 -5.69
CA ASP A 246 32.44 1.95 -6.32
C ASP A 246 31.18 1.41 -6.99
N ASN A 247 30.61 2.20 -7.88
CA ASN A 247 29.41 1.81 -8.62
C ASN A 247 29.56 2.34 -10.03
N ASN A 248 28.76 1.82 -10.94
CA ASN A 248 28.75 2.26 -12.31
C ASN A 248 27.79 3.45 -12.33
N PRO A 249 28.31 4.65 -12.64
CA PRO A 249 27.49 5.87 -12.67
C PRO A 249 26.27 5.76 -13.60
N ASP A 250 26.43 5.06 -14.73
CA ASP A 250 25.32 4.89 -15.69
C ASP A 250 24.18 4.08 -15.09
N TRP A 251 24.54 3.07 -14.29
CA TRP A 251 23.58 2.21 -13.64
C TRP A 251 22.76 3.01 -12.61
N ILE A 252 23.46 3.81 -11.81
CA ILE A 252 22.81 4.62 -10.80
C ILE A 252 21.89 5.64 -11.47
N ALA A 253 22.35 6.21 -12.58
CA ALA A 253 21.56 7.19 -13.31
C ALA A 253 20.28 6.52 -13.84
N ALA A 254 20.44 5.33 -14.42
CA ALA A 254 19.29 4.62 -14.96
C ALA A 254 18.25 4.38 -13.86
N ASP A 255 18.72 4.09 -12.65
CA ASP A 255 17.81 3.84 -11.55
C ASP A 255 17.06 5.11 -11.15
N LEU A 256 17.75 6.25 -11.17
CA LEU A 256 17.13 7.50 -10.81
C LEU A 256 16.08 7.88 -11.85
N LEU A 257 16.39 7.61 -13.11
CA LEU A 257 15.47 7.91 -14.19
C LEU A 257 14.28 6.96 -14.22
N ALA A 258 14.47 5.72 -13.82
CA ALA A 258 13.39 4.76 -13.84
C ALA A 258 12.29 5.25 -12.92
N GLN A 259 12.70 5.71 -11.73
CA GLN A 259 11.74 6.21 -10.73
C GLN A 259 11.08 7.50 -11.22
N ALA A 260 11.81 8.31 -11.97
CA ALA A 260 11.27 9.58 -12.48
C ALA A 260 10.17 9.44 -13.54
N GLU A 261 10.31 8.49 -14.48
CA GLU A 261 9.29 8.33 -15.53
C GLU A 261 7.94 7.94 -14.94
N HIS A 262 7.99 7.37 -13.74
CA HIS A 262 6.80 6.95 -13.03
C HIS A 262 5.76 8.08 -12.97
N ASP A 263 6.11 9.16 -12.29
CA ASP A 263 5.22 10.30 -12.12
C ASP A 263 5.99 11.61 -12.30
N THR A 264 5.28 12.68 -12.65
CA THR A 264 5.92 13.98 -12.83
C THR A 264 6.37 14.56 -11.49
N ALA A 265 5.74 14.11 -10.41
CA ALA A 265 6.09 14.57 -9.06
C ALA A 265 6.91 13.51 -8.31
N ALA A 266 7.30 12.45 -9.02
CA ALA A 266 8.13 11.41 -8.40
C ALA A 266 9.44 12.09 -8.04
N GLN A 267 10.12 11.59 -7.01
CA GLN A 267 11.39 12.20 -6.61
C GLN A 267 12.51 11.16 -6.52
N SER A 268 13.68 11.49 -7.09
CA SER A 268 14.83 10.59 -7.07
C SER A 268 15.99 11.33 -6.38
N ILE A 269 16.50 10.74 -5.30
CA ILE A 269 17.57 11.33 -4.51
C ILE A 269 18.83 10.47 -4.45
N LEU A 270 19.99 11.09 -4.67
CA LEU A 270 21.28 10.38 -4.58
C LEU A 270 21.97 10.91 -3.33
N MET A 271 22.34 10.02 -2.41
CA MET A 271 23.03 10.41 -1.19
C MET A 271 24.39 9.72 -1.27
N THR A 272 25.46 10.51 -1.37
CA THR A 272 26.79 9.95 -1.51
C THR A 272 27.84 10.72 -0.74
N ASN A 273 29.01 10.11 -0.55
CA ASN A 273 30.11 10.74 0.17
C ASN A 273 31.24 11.11 -0.79
N ASP A 274 30.96 11.10 -2.08
CA ASP A 274 31.97 11.42 -3.10
C ASP A 274 31.42 12.34 -4.17
N GLU A 275 31.74 13.64 -4.08
CA GLU A 275 31.22 14.63 -5.02
C GLU A 275 31.51 14.35 -6.50
N ALA A 276 32.70 13.83 -6.80
CA ALA A 276 33.05 13.54 -8.19
C ALA A 276 32.11 12.48 -8.72
N PHE A 277 31.79 11.50 -7.88
CA PHE A 277 30.88 10.44 -8.26
C PHE A 277 29.50 11.06 -8.52
N ALA A 278 29.06 11.96 -7.64
CA ALA A 278 27.76 12.61 -7.84
C ALA A 278 27.76 13.30 -9.20
N HIS A 279 28.88 13.94 -9.55
CA HIS A 279 28.97 14.63 -10.82
C HIS A 279 28.91 13.62 -11.96
N ALA A 280 29.59 12.49 -11.79
CA ALA A 280 29.58 11.44 -12.80
C ALA A 280 28.18 10.86 -12.99
N VAL A 281 27.37 10.85 -11.94
CA VAL A 281 26.02 10.31 -12.06
C VAL A 281 25.13 11.33 -12.80
N GLU A 282 25.32 12.61 -12.49
CA GLU A 282 24.52 13.67 -13.13
C GLU A 282 24.77 13.72 -14.64
N GLU A 283 26.01 13.46 -15.04
CA GLU A 283 26.36 13.48 -16.46
C GLU A 283 25.73 12.29 -17.16
N ALA A 284 25.66 11.15 -16.46
CA ALA A 284 25.05 9.97 -17.02
C ALA A 284 23.53 10.19 -17.13
N VAL A 285 22.95 10.86 -16.14
CA VAL A 285 21.51 11.13 -16.17
C VAL A 285 21.17 11.99 -17.38
N GLU A 286 22.06 12.91 -17.70
CA GLU A 286 21.88 13.82 -18.85
C GLU A 286 21.98 13.10 -20.20
N ARG A 287 22.98 12.26 -20.35
CA ARG A 287 23.15 11.53 -21.60
C ARG A 287 22.01 10.55 -21.86
N GLN A 288 21.59 9.82 -20.83
CA GLN A 288 20.52 8.85 -20.95
C GLN A 288 19.19 9.55 -21.18
N LEU A 289 19.08 10.77 -20.67
CA LEU A 289 17.85 11.54 -20.82
C LEU A 289 17.49 11.75 -22.29
N HIS A 290 18.46 11.53 -23.17
CA HIS A 290 18.26 11.67 -24.62
C HIS A 290 18.32 10.27 -25.22
N THR A 291 19.45 9.60 -24.99
CA THR A 291 19.70 8.26 -25.48
C THR A 291 20.21 7.40 -24.33
N GLU A 296 10.75 12.33 -20.78
CA GLU A 296 9.74 13.39 -20.79
C GLU A 296 9.21 13.66 -19.39
N THR A 297 8.49 12.69 -18.82
CA THR A 297 7.98 12.85 -17.46
C THR A 297 9.19 12.72 -16.55
N ALA A 298 10.12 11.84 -16.95
CA ALA A 298 11.35 11.60 -16.21
C ALA A 298 12.19 12.88 -16.25
N SER A 299 12.20 13.54 -17.40
CA SER A 299 12.95 14.78 -17.58
C SER A 299 12.37 15.83 -16.63
N ALA A 300 11.07 16.03 -16.71
CA ALA A 300 10.40 17.01 -15.86
C ALA A 300 10.55 16.62 -14.38
N SER A 301 10.62 15.32 -14.12
CA SER A 301 10.75 14.79 -12.76
C SER A 301 12.16 14.93 -12.16
N TRP A 302 13.18 14.59 -12.93
CA TRP A 302 14.56 14.69 -12.44
C TRP A 302 15.01 16.12 -12.19
N ARG A 303 14.66 17.00 -13.11
CA ARG A 303 15.05 18.40 -12.98
C ARG A 303 14.30 19.08 -11.85
N ASP A 304 12.97 18.93 -11.85
CA ASP A 304 12.16 19.57 -10.83
C ASP A 304 12.28 19.02 -9.41
N PHE A 305 12.44 17.71 -9.26
CA PHE A 305 12.52 17.12 -7.92
C PHE A 305 13.80 16.32 -7.61
N GLY A 306 14.65 16.10 -8.60
CA GLY A 306 15.88 15.35 -8.35
C GLY A 306 16.78 16.07 -7.36
N ALA A 307 17.64 15.33 -6.66
CA ALA A 307 18.50 15.96 -5.68
C ALA A 307 19.69 15.11 -5.28
N VAL A 308 20.78 15.77 -4.87
CA VAL A 308 21.98 15.08 -4.42
C VAL A 308 22.28 15.58 -3.03
N ILE A 309 22.56 14.65 -2.11
CA ILE A 309 22.89 15.04 -0.73
C ILE A 309 24.28 14.51 -0.45
N LEU A 310 25.20 15.42 -0.16
CA LEU A 310 26.59 15.04 0.08
C LEU A 310 26.92 14.95 1.54
N VAL A 311 27.45 13.80 1.97
CA VAL A 311 27.84 13.60 3.34
C VAL A 311 29.32 13.26 3.32
N LYS A 312 29.97 13.31 4.46
CA LYS A 312 31.38 12.98 4.53
C LYS A 312 31.56 11.48 4.61
N ASP A 313 30.60 10.80 5.23
CA ASP A 313 30.70 9.35 5.35
C ASP A 313 29.29 8.79 5.50
N PHE A 314 29.13 7.48 5.48
CA PHE A 314 27.79 6.94 5.59
C PHE A 314 27.19 6.87 6.97
N GLU A 315 27.98 7.11 8.01
CA GLU A 315 27.36 7.14 9.33
C GLU A 315 26.41 8.36 9.30
N ASP A 316 26.84 9.41 8.60
CA ASP A 316 26.06 10.65 8.49
C ASP A 316 24.76 10.44 7.73
N ALA A 317 24.82 9.54 6.76
CA ALA A 317 23.66 9.25 5.93
C ALA A 317 22.53 8.58 6.69
N ILE A 318 22.85 7.86 7.76
CA ILE A 318 21.82 7.15 8.51
C ILE A 318 20.65 8.01 9.01
N PRO A 319 20.92 9.05 9.82
CA PRO A 319 19.79 9.86 10.29
C PRO A 319 19.05 10.58 9.16
N LEU A 320 19.77 10.97 8.10
CA LEU A 320 19.15 11.68 6.97
C LEU A 320 18.22 10.72 6.23
N ALA A 321 18.70 9.50 6.00
CA ALA A 321 17.89 8.48 5.32
C ALA A 321 16.64 8.18 6.16
N ASN A 322 16.79 8.19 7.47
CA ASN A 322 15.64 7.90 8.34
C ASN A 322 14.59 8.98 8.27
N ARG A 323 15.02 10.23 8.09
CA ARG A 323 14.09 11.34 7.98
C ARG A 323 13.43 11.35 6.61
N ILE A 324 14.17 10.97 5.57
CA ILE A 324 13.59 10.92 4.23
C ILE A 324 12.54 9.81 4.17
N ALA A 325 12.81 8.70 4.87
CA ALA A 325 11.87 7.57 4.95
C ALA A 325 11.25 7.24 3.60
N ALA A 326 12.12 6.91 2.66
CA ALA A 326 11.73 6.61 1.29
C ALA A 326 10.96 5.34 1.06
N GLU A 327 10.08 5.37 0.07
CA GLU A 327 9.29 4.22 -0.32
C GLU A 327 10.27 3.11 -0.77
N HIS A 328 11.25 3.52 -1.58
CA HIS A 328 12.26 2.64 -2.15
C HIS A 328 13.64 3.14 -1.78
N LEU A 329 14.44 2.28 -1.18
CA LEU A 329 15.81 2.62 -0.80
C LEU A 329 16.81 1.63 -1.40
N GLU A 330 17.68 2.12 -2.28
CA GLU A 330 18.71 1.31 -2.91
C GLU A 330 19.99 1.58 -2.14
N ILE A 331 20.60 0.55 -1.59
CA ILE A 331 21.83 0.70 -0.83
C ILE A 331 22.97 0.11 -1.64
N ALA A 332 23.83 0.97 -2.20
CA ALA A 332 24.96 0.48 -2.98
C ALA A 332 26.28 1.02 -2.43
N VAL A 333 26.68 0.45 -1.30
CA VAL A 333 27.93 0.85 -0.67
C VAL A 333 28.62 -0.43 -0.24
N ALA A 334 29.91 -0.31 0.09
CA ALA A 334 30.65 -1.47 0.54
C ALA A 334 30.09 -1.83 1.91
N ASP A 335 30.02 -3.12 2.20
CA ASP A 335 29.51 -3.55 3.50
C ASP A 335 28.07 -3.07 3.70
N ALA A 336 27.30 -3.10 2.62
CA ALA A 336 25.90 -2.68 2.63
C ALA A 336 25.09 -3.35 3.74
N GLU A 337 25.21 -4.66 3.87
CA GLU A 337 24.45 -5.41 4.88
C GLU A 337 24.57 -4.79 6.26
N ALA A 338 25.62 -4.01 6.48
CA ALA A 338 25.84 -3.37 7.77
C ALA A 338 24.92 -2.18 8.01
N PHE A 339 24.50 -1.52 6.94
CA PHE A 339 23.63 -0.36 7.10
C PHE A 339 22.15 -0.71 7.10
N VAL A 340 21.80 -1.88 6.59
CA VAL A 340 20.41 -2.27 6.54
C VAL A 340 19.69 -2.12 7.89
N PRO A 341 20.25 -2.65 8.98
CA PRO A 341 19.57 -2.52 10.28
C PRO A 341 19.58 -1.13 10.90
N ARG A 342 20.50 -0.27 10.45
CA ARG A 342 20.60 1.09 10.97
C ARG A 342 19.54 2.02 10.35
N ILE A 343 19.13 1.73 9.13
CA ILE A 343 18.14 2.56 8.45
C ILE A 343 16.79 1.94 8.66
N ARG A 344 16.11 2.42 9.69
CA ARG A 344 14.81 1.90 10.08
C ARG A 344 13.58 2.32 9.30
N ASN A 345 13.59 3.49 8.68
CA ASN A 345 12.43 3.94 7.90
C ASN A 345 12.67 3.82 6.41
N ALA A 346 12.04 2.82 5.81
CA ALA A 346 12.14 2.55 4.38
C ALA A 346 11.09 1.51 4.07
N GLY A 347 10.37 1.70 2.96
CA GLY A 347 9.32 0.75 2.58
C GLY A 347 9.96 -0.55 2.13
N SER A 348 10.94 -0.42 1.23
CA SER A 348 11.67 -1.55 0.67
C SER A 348 13.14 -1.17 0.51
N ILE A 349 14.03 -2.12 0.80
CA ILE A 349 15.45 -1.88 0.68
C ILE A 349 15.99 -2.85 -0.36
N PHE A 350 16.67 -2.30 -1.37
CA PHE A 350 17.25 -3.05 -2.48
C PHE A 350 18.77 -3.01 -2.27
N ILE A 351 19.37 -4.18 -2.13
CA ILE A 351 20.79 -4.26 -1.82
C ILE A 351 21.73 -4.62 -2.95
N GLY A 352 22.78 -3.80 -3.13
CA GLY A 352 23.77 -4.07 -4.15
C GLY A 352 23.52 -3.52 -5.54
N GLY A 353 24.53 -3.64 -6.39
CA GLY A 353 24.43 -3.12 -7.74
C GLY A 353 23.55 -3.88 -8.71
N TYR A 354 23.19 -5.13 -8.40
CA TYR A 354 22.34 -5.89 -9.30
C TYR A 354 20.86 -5.92 -8.90
N THR A 355 20.49 -5.05 -7.96
CA THR A 355 19.09 -4.99 -7.52
C THR A 355 18.43 -3.64 -7.78
N PRO A 356 18.10 -3.33 -9.05
CA PRO A 356 17.45 -2.05 -9.32
C PRO A 356 16.02 -2.12 -8.78
N GLU A 357 15.51 -1.00 -8.26
CA GLU A 357 14.17 -0.95 -7.71
C GLU A 357 13.13 -1.62 -8.62
N VAL A 358 13.31 -1.44 -9.92
CA VAL A 358 12.42 -1.99 -10.93
C VAL A 358 12.09 -3.47 -10.74
N ILE A 359 13.09 -4.26 -10.32
CA ILE A 359 12.88 -5.69 -10.11
C ILE A 359 11.81 -5.92 -9.05
N GLY A 360 11.77 -5.06 -8.04
CA GLY A 360 10.78 -5.21 -6.98
C GLY A 360 9.39 -4.89 -7.49
N ASP A 361 9.29 -4.03 -8.49
CA ASP A 361 7.97 -3.70 -9.06
C ASP A 361 7.38 -4.92 -9.74
N TYR A 362 8.23 -5.78 -10.31
CA TYR A 362 7.73 -6.90 -11.08
C TYR A 362 7.95 -8.35 -10.68
N VAL A 363 9.20 -8.75 -10.56
CA VAL A 363 9.49 -10.14 -10.31
C VAL A 363 10.14 -10.54 -9.00
N GLY A 364 10.48 -9.58 -8.15
CA GLY A 364 11.09 -9.94 -6.89
C GLY A 364 10.14 -10.84 -6.09
N GLY A 365 8.89 -10.41 -6.01
CA GLY A 365 7.91 -11.18 -5.26
C GLY A 365 7.40 -10.35 -4.12
N SER A 366 8.26 -9.46 -3.62
CA SER A 366 7.93 -8.55 -2.53
C SER A 366 6.95 -7.53 -3.10
N ASN A 367 5.92 -7.17 -2.35
CA ASN A 367 4.94 -6.22 -2.86
C ASN A 367 5.48 -4.80 -3.05
N HIS A 368 5.38 -4.29 -4.28
CA HIS A 368 5.87 -2.95 -4.60
C HIS A 368 4.92 -1.85 -4.14
N VAL A 369 3.66 -2.19 -3.90
CA VAL A 369 2.67 -1.21 -3.43
C VAL A 369 3.15 -0.81 -2.03
N LEU A 370 4.07 0.15 -2.00
CA LEU A 370 4.66 0.59 -0.75
C LEU A 370 4.22 1.97 -0.27
N PRO A 371 4.54 2.30 1.00
CA PRO A 371 4.19 3.59 1.59
C PRO A 371 4.97 4.73 0.92
N THR A 372 4.26 5.81 0.58
CA THR A 372 4.86 6.98 -0.09
C THR A 372 4.77 8.26 0.76
N ALA A 373 5.48 9.30 0.33
CA ALA A 373 5.46 10.59 1.02
C ALA A 373 5.75 10.50 2.52
N ARG A 374 6.89 9.91 2.85
CA ARG A 374 7.33 9.74 4.24
C ARG A 374 6.44 8.80 5.04
N SER A 375 5.49 8.11 4.41
CA SER A 375 4.63 7.23 5.19
C SER A 375 5.35 5.96 5.67
N ALA A 376 6.59 5.75 5.21
CA ALA A 376 7.35 4.60 5.67
C ALA A 376 7.70 4.81 7.16
N ARG A 377 7.41 6.01 7.66
CA ARG A 377 7.65 6.31 9.07
C ARG A 377 6.61 5.56 9.92
N PHE A 378 5.46 5.26 9.33
CA PHE A 378 4.41 4.61 10.09
C PHE A 378 3.69 3.44 9.43
N SER A 379 3.97 3.18 8.17
CA SER A 379 3.28 2.08 7.51
C SER A 379 4.19 1.16 6.72
N SER A 380 3.63 0.03 6.33
CA SER A 380 4.37 -0.96 5.56
C SER A 380 3.74 -1.08 4.20
N GLY A 381 4.46 -1.74 3.30
CA GLY A 381 3.91 -1.97 1.97
C GLY A 381 2.83 -3.01 2.14
N LEU A 382 2.02 -3.21 1.12
CA LEU A 382 0.95 -4.19 1.18
C LEU A 382 1.47 -5.62 1.49
N SER A 383 0.75 -6.36 2.33
CA SER A 383 1.14 -7.74 2.64
C SER A 383 -0.15 -8.50 2.91
N VAL A 384 -0.06 -9.82 3.12
CA VAL A 384 -1.28 -10.60 3.37
C VAL A 384 -2.02 -10.08 4.61
N LEU A 385 -1.29 -9.46 5.53
CA LEU A 385 -1.91 -8.95 6.75
C LEU A 385 -2.95 -7.88 6.48
N ASP A 386 -2.78 -7.16 5.37
CA ASP A 386 -3.70 -6.11 5.02
C ASP A 386 -5.04 -6.63 4.53
N TYR A 387 -5.08 -7.93 4.26
CA TYR A 387 -6.30 -8.57 3.74
C TYR A 387 -6.91 -9.55 4.75
N MET A 388 -6.42 -9.47 5.97
CA MET A 388 -6.84 -10.36 7.05
C MET A 388 -7.07 -9.56 8.33
N LYS A 389 -7.68 -10.18 9.34
CA LYS A 389 -7.86 -9.47 10.60
C LYS A 389 -7.76 -10.48 11.73
N ARG A 390 -7.37 -9.98 12.88
CA ARG A 390 -7.19 -10.79 14.06
C ARG A 390 -8.37 -10.63 15.02
N THR A 391 -8.79 -11.75 15.59
CA THR A 391 -9.86 -11.74 16.58
C THR A 391 -9.21 -12.22 17.88
N SER A 392 -9.48 -11.53 18.99
CA SER A 392 -8.94 -11.90 20.29
C SER A 392 -9.90 -12.89 20.96
N LEU A 393 -9.35 -13.89 21.66
CA LEU A 393 -10.18 -14.89 22.32
C LEU A 393 -9.86 -14.86 23.81
N LEU A 394 -10.87 -14.94 24.67
CA LEU A 394 -10.61 -14.90 26.10
C LEU A 394 -11.60 -15.82 26.82
N LYS A 395 -11.10 -16.63 27.73
CA LYS A 395 -11.98 -17.50 28.49
C LYS A 395 -11.46 -17.59 29.91
N LEU A 396 -12.31 -17.19 30.85
CA LEU A 396 -12.00 -17.28 32.27
C LEU A 396 -12.95 -18.29 32.90
N GLY A 397 -12.43 -19.10 33.81
CA GLY A 397 -13.27 -20.05 34.52
C GLY A 397 -13.55 -19.35 35.86
N SER A 398 -14.30 -19.99 36.76
CA SER A 398 -14.59 -19.37 38.07
C SER A 398 -13.35 -18.95 38.85
N GLU A 399 -12.32 -19.81 38.89
CA GLU A 399 -11.09 -19.48 39.61
C GLU A 399 -10.46 -18.19 39.09
N GLN A 400 -10.33 -18.11 37.77
CA GLN A 400 -9.73 -16.93 37.13
C GLN A 400 -10.53 -15.66 37.40
N LEU A 401 -11.85 -15.75 37.33
CA LEU A 401 -12.67 -14.56 37.58
C LEU A 401 -12.51 -14.16 39.05
N ARG A 402 -12.39 -15.16 39.92
CA ARG A 402 -12.23 -14.85 41.35
C ARG A 402 -10.88 -14.14 41.55
N ALA A 403 -9.86 -14.55 40.80
CA ALA A 403 -8.53 -13.97 40.91
C ALA A 403 -8.38 -12.60 40.23
N LEU A 404 -9.09 -12.37 39.12
CA LEU A 404 -8.94 -11.10 38.44
C LEU A 404 -10.12 -10.14 38.58
N GLY A 405 -11.28 -10.68 38.96
CA GLY A 405 -12.47 -9.85 39.11
C GLY A 405 -12.35 -8.66 40.06
N PRO A 406 -11.81 -8.86 41.27
CA PRO A 406 -11.70 -7.72 42.18
C PRO A 406 -10.98 -6.52 41.55
N ALA A 407 -9.86 -6.77 40.88
CA ALA A 407 -9.11 -5.68 40.25
C ALA A 407 -9.97 -4.95 39.23
N ALA A 408 -10.74 -5.71 38.46
CA ALA A 408 -11.62 -5.11 37.46
C ALA A 408 -12.67 -4.23 38.11
N ILE A 409 -13.27 -4.71 39.19
CA ILE A 409 -14.28 -3.96 39.91
C ILE A 409 -13.70 -2.64 40.42
N GLU A 410 -12.52 -2.73 41.02
CA GLU A 410 -11.83 -1.56 41.56
C GLU A 410 -11.67 -0.47 40.48
N ILE A 411 -11.14 -0.86 39.33
CA ILE A 411 -10.96 0.08 38.23
C ILE A 411 -12.30 0.61 37.68
N ALA A 412 -13.26 -0.28 37.48
CA ALA A 412 -14.56 0.15 36.95
C ALA A 412 -15.21 1.19 37.86
N ARG A 413 -15.16 0.93 39.17
CA ARG A 413 -15.75 1.88 40.10
C ARG A 413 -14.95 3.17 40.14
N ALA A 414 -13.63 3.08 40.02
CA ALA A 414 -12.82 4.30 40.02
C ALA A 414 -13.14 5.11 38.75
N GLU A 415 -13.67 4.45 37.72
CA GLU A 415 -14.04 5.14 36.47
C GLU A 415 -15.52 5.54 36.42
N GLY A 416 -16.27 5.24 37.47
CA GLY A 416 -17.68 5.58 37.52
C GLY A 416 -18.53 4.67 36.64
N LEU A 417 -18.00 3.52 36.29
CA LEU A 417 -18.72 2.59 35.44
C LEU A 417 -19.30 1.47 36.30
N ASP A 418 -20.40 1.79 36.97
CA ASP A 418 -21.05 0.86 37.88
C ASP A 418 -21.65 -0.39 37.24
N ALA A 419 -22.23 -0.26 36.06
CA ALA A 419 -22.79 -1.42 35.38
C ALA A 419 -21.62 -2.38 35.06
N HIS A 420 -20.47 -1.83 34.67
CA HIS A 420 -19.32 -2.65 34.37
C HIS A 420 -18.89 -3.38 35.62
N ALA A 421 -18.86 -2.67 36.75
CA ALA A 421 -18.47 -3.29 38.00
C ALA A 421 -19.47 -4.38 38.39
N GLN A 422 -20.75 -4.09 38.20
CA GLN A 422 -21.78 -5.07 38.56
C GLN A 422 -21.77 -6.37 37.77
N SER A 423 -21.41 -6.32 36.49
CA SER A 423 -21.36 -7.55 35.70
C SER A 423 -20.32 -8.53 36.28
N VAL A 424 -19.33 -8.00 37.02
CA VAL A 424 -18.34 -8.86 37.66
C VAL A 424 -18.84 -9.21 39.06
N ALA A 425 -19.29 -8.20 39.80
CA ALA A 425 -19.77 -8.41 41.16
C ALA A 425 -20.93 -9.43 41.25
N ILE A 426 -21.85 -9.40 40.28
CA ILE A 426 -22.99 -10.31 40.32
C ILE A 426 -22.55 -11.76 40.25
N ARG A 427 -21.40 -11.99 39.63
CA ARG A 427 -20.84 -13.33 39.50
C ARG A 427 -20.01 -13.68 40.75
N LEU A 428 -19.19 -12.74 41.19
CA LEU A 428 -18.36 -13.00 42.37
C LEU A 428 -19.19 -13.18 43.63
N ASN A 429 -20.28 -12.45 43.75
CA ASN A 429 -21.14 -12.53 44.92
C ASN A 429 -21.69 -13.93 45.16
N LEU A 430 -21.99 -14.64 44.09
CA LEU A 430 -22.49 -16.01 44.22
C LEU A 430 -21.33 -16.99 44.41
N LEU A 431 -20.29 -16.79 43.61
CA LEU A 431 -19.10 -17.64 43.62
C LEU A 431 -18.35 -17.65 44.95
N GLU A 432 -18.31 -16.51 45.61
CA GLU A 432 -17.56 -16.35 46.87
C GLU A 432 -17.98 -17.30 48.00
N HIS A 433 -19.23 -17.77 47.99
CA HIS A 433 -19.69 -18.66 49.04
C HIS A 433 -18.99 -20.02 48.98
N HIS A 434 -18.24 -20.26 47.92
CA HIS A 434 -17.49 -21.52 47.78
C HIS A 434 -16.00 -21.27 48.03
N HIS A 435 -15.66 -20.06 48.49
CA HIS A 435 -14.26 -19.70 48.75
C HIS A 435 -14.01 -19.08 50.11
N HIS A 436 -14.77 -19.45 51.13
CA HIS A 436 -14.55 -18.86 52.43
C HIS A 436 -13.32 -19.39 53.16
N HIS A 437 -12.70 -20.43 52.61
CA HIS A 437 -11.51 -21.03 53.22
C HIS A 437 -10.23 -20.23 52.96
N HIS A 438 -10.26 -19.36 51.96
CA HIS A 438 -9.10 -18.53 51.63
C HIS A 438 -9.55 -17.18 51.05
#